data_1QQK
#
_entry.id   1QQK
#
_cell.length_a   169.1
_cell.length_b   169.1
_cell.length_c   62.6
_cell.angle_alpha   90.00
_cell.angle_beta   90.00
_cell.angle_gamma   90.00
#
_symmetry.space_group_name_H-M   'I 41 2 2'
#
loop_
_entity.id
_entity.type
_entity.pdbx_description
1 polymer 'FIBROBLAST GROWTH FACTOR 7'
2 water water
#
_entity_poly.entity_id   1
_entity_poly.type   'polypeptide(L)'
_entity_poly.pdbx_seq_one_letter_code
;SYDYMEGGDIRVRRLFCRTQWYLRIDKRGKVKGTQEMRNSYNIMEIRTVAVGIVAIKGVESEYYLAMNKEGKLYAKKECN
EDCNFKELILENHYNTYASAKWTHSGGEMFVALNQKGLPVKGKKTKKEQKTAHFLPMAIT
;
_entity_poly.pdbx_strand_id   A,B
#
# COMPACT_ATOMS: atom_id res chain seq x y z
N ASP A 9 14.62 10.01 -44.53
CA ASP A 9 14.33 8.76 -43.78
C ASP A 9 13.13 8.04 -44.44
N ILE A 10 12.99 6.82 -44.04
CA ILE A 10 11.88 5.91 -44.40
C ILE A 10 11.88 4.88 -43.30
N ARG A 11 10.74 4.64 -42.66
CA ARG A 11 10.72 3.65 -41.59
C ARG A 11 9.54 2.73 -41.59
N VAL A 12 9.78 1.44 -41.79
CA VAL A 12 8.72 0.41 -41.80
C VAL A 12 8.58 -0.19 -40.42
N ARG A 13 7.45 0.07 -39.74
CA ARG A 13 7.23 -0.49 -38.39
C ARG A 13 5.83 -0.49 -37.76
N ARG A 14 5.62 -1.39 -36.79
CA ARG A 14 4.34 -1.55 -36.07
C ARG A 14 4.23 -0.41 -35.03
N LEU A 15 3.09 0.28 -34.90
CA LEU A 15 3.02 1.39 -33.91
C LEU A 15 2.35 1.07 -32.60
N PHE A 16 3.06 0.34 -31.74
CA PHE A 16 2.52 -0.08 -30.45
C PHE A 16 1.96 1.11 -29.63
N CYS A 17 0.91 0.90 -28.84
CA CYS A 17 0.39 2.00 -28.03
C CYS A 17 0.44 1.61 -26.56
N ARG A 18 0.48 2.58 -25.65
CA ARG A 18 0.60 2.33 -24.20
C ARG A 18 -0.60 1.66 -23.56
N THR A 19 -1.74 1.65 -24.26
CA THR A 19 -2.85 0.97 -23.68
C THR A 19 -2.97 -0.44 -24.28
N GLN A 20 -1.83 -0.94 -24.79
CA GLN A 20 -1.71 -2.29 -25.39
C GLN A 20 -2.59 -2.59 -26.59
N TRP A 21 -2.51 -1.73 -27.57
CA TRP A 21 -3.28 -1.85 -28.79
C TRP A 21 -2.30 -1.59 -29.92
N TYR A 22 -2.71 -1.91 -31.14
CA TYR A 22 -1.88 -1.69 -32.32
C TYR A 22 -2.65 -0.84 -33.35
N LEU A 23 -1.98 0.18 -33.92
CA LEU A 23 -2.61 1.06 -34.90
C LEU A 23 -2.77 0.24 -36.14
N ARG A 24 -4.02 0.19 -36.60
CA ARG A 24 -4.40 -0.59 -37.76
C ARG A 24 -5.24 0.26 -38.69
N ILE A 25 -4.88 0.22 -39.96
CA ILE A 25 -5.57 0.98 -40.99
C ILE A 25 -6.34 0.00 -41.84
N ASP A 26 -7.66 0.13 -41.77
CA ASP A 26 -8.58 -0.72 -42.50
C ASP A 26 -8.47 -0.36 -43.98
N LYS A 27 -8.67 -1.31 -44.89
CA LYS A 27 -8.60 -1.04 -46.34
C LYS A 27 -9.88 -0.39 -46.87
N ARG A 28 -10.43 0.51 -46.07
CA ARG A 28 -11.64 1.28 -46.36
C ARG A 28 -11.51 2.48 -45.41
N GLY A 29 -10.26 2.74 -45.00
CA GLY A 29 -9.97 3.85 -44.12
C GLY A 29 -10.42 3.85 -42.65
N LYS A 30 -10.66 2.70 -42.02
CA LYS A 30 -11.05 2.71 -40.61
C LYS A 30 -9.80 2.64 -39.80
N VAL A 31 -9.69 3.55 -38.85
CA VAL A 31 -8.53 3.65 -37.98
C VAL A 31 -8.88 3.28 -36.55
N LYS A 32 -8.49 2.09 -36.16
CA LYS A 32 -8.73 1.62 -34.81
C LYS A 32 -7.55 0.72 -34.44
N GLY A 33 -7.44 0.37 -33.18
CA GLY A 33 -6.34 -0.47 -32.81
C GLY A 33 -6.69 -1.93 -32.86
N THR A 34 -5.70 -2.79 -32.94
CA THR A 34 -5.97 -4.19 -32.95
C THR A 34 -5.11 -4.84 -31.86
N GLN A 35 -5.56 -5.97 -31.33
CA GLN A 35 -4.74 -6.66 -30.36
C GLN A 35 -3.91 -7.67 -31.10
N GLU A 36 -4.42 -8.26 -32.18
CA GLU A 36 -3.55 -9.24 -32.79
C GLU A 36 -2.31 -8.65 -33.36
N MET A 37 -1.24 -9.38 -33.10
CA MET A 37 0.10 -9.02 -33.50
C MET A 37 0.37 -9.06 -35.01
N ARG A 38 0.37 -10.25 -35.57
CA ARG A 38 0.72 -10.44 -36.99
C ARG A 38 -0.38 -10.05 -37.96
N ASN A 39 -1.26 -9.17 -37.55
CA ASN A 39 -2.23 -8.63 -38.49
C ASN A 39 -1.39 -8.23 -39.69
N SER A 40 -1.85 -7.41 -40.57
CA SER A 40 -0.98 -7.00 -41.69
C SER A 40 -1.24 -5.56 -42.01
N TYR A 41 -2.39 -5.17 -41.54
CA TYR A 41 -2.91 -3.84 -41.69
C TYR A 41 -2.45 -2.98 -40.54
N ASN A 42 -1.43 -3.46 -39.82
CA ASN A 42 -0.86 -2.72 -38.69
C ASN A 42 0.59 -2.33 -38.99
N ILE A 43 1.09 -2.80 -40.13
CA ILE A 43 2.46 -2.51 -40.60
C ILE A 43 2.42 -1.07 -41.22
N MET A 44 3.23 -0.17 -40.69
CA MET A 44 3.23 1.20 -41.21
C MET A 44 4.49 1.60 -41.98
N GLU A 45 4.41 2.77 -42.61
CA GLU A 45 5.48 3.37 -43.40
C GLU A 45 5.70 4.83 -42.89
N ILE A 46 6.71 5.02 -42.03
CA ILE A 46 7.04 6.32 -41.44
C ILE A 46 7.91 7.11 -42.40
N ARG A 47 7.33 8.20 -42.91
CA ARG A 47 7.96 9.04 -43.92
C ARG A 47 8.26 10.47 -43.42
N THR A 48 9.45 10.95 -43.80
CA THR A 48 9.92 12.31 -43.46
C THR A 48 9.61 13.26 -44.61
N VAL A 49 8.91 14.33 -44.26
CA VAL A 49 8.50 15.33 -45.25
C VAL A 49 9.24 16.68 -45.07
N ALA A 50 9.75 17.00 -43.85
CA ALA A 50 10.40 18.33 -43.66
C ALA A 50 11.46 18.54 -42.56
N VAL A 51 10.96 19.05 -41.41
CA VAL A 51 11.76 19.43 -40.20
C VAL A 51 12.00 18.22 -39.30
N GLY A 52 10.97 18.00 -38.55
CA GLY A 52 10.79 16.92 -37.60
C GLY A 52 9.31 16.68 -37.65
N ILE A 53 8.90 16.70 -38.90
CA ILE A 53 7.54 16.52 -39.33
C ILE A 53 7.49 15.26 -40.17
N VAL A 54 6.55 14.42 -39.81
CA VAL A 54 6.44 13.10 -40.42
C VAL A 54 5.03 12.77 -40.90
N ALA A 55 4.98 11.80 -41.81
CA ALA A 55 3.75 11.28 -42.39
C ALA A 55 3.79 9.74 -42.40
N ILE A 56 2.67 9.08 -42.07
CA ILE A 56 2.59 7.61 -42.06
C ILE A 56 1.50 7.02 -42.97
N LYS A 57 1.86 6.00 -43.72
CA LYS A 57 0.97 5.32 -44.64
C LYS A 57 1.04 3.84 -44.39
N GLY A 58 -0.11 3.22 -44.16
CA GLY A 58 -0.11 1.79 -43.93
C GLY A 58 0.14 1.11 -45.25
N VAL A 59 1.19 0.30 -45.34
CA VAL A 59 1.52 -0.41 -46.57
C VAL A 59 0.35 -1.09 -47.33
N GLU A 60 -0.40 -1.99 -46.69
CA GLU A 60 -1.52 -2.68 -47.37
C GLU A 60 -2.68 -1.73 -47.75
N SER A 61 -3.34 -1.18 -46.74
CA SER A 61 -4.47 -0.27 -46.88
C SER A 61 -4.19 0.94 -47.76
N GLU A 62 -2.94 1.40 -47.72
CA GLU A 62 -2.47 2.53 -48.53
C GLU A 62 -2.96 3.91 -48.16
N TYR A 63 -3.68 4.04 -47.06
CA TYR A 63 -4.21 5.34 -46.64
C TYR A 63 -3.14 6.13 -45.85
N TYR A 64 -3.56 7.19 -45.11
CA TYR A 64 -2.53 8.07 -44.48
C TYR A 64 -2.72 8.53 -43.01
N LEU A 65 -3.93 8.54 -42.48
CA LEU A 65 -4.11 8.92 -41.04
C LEU A 65 -3.94 10.44 -40.85
N ALA A 66 -5.05 11.17 -40.71
CA ALA A 66 -4.97 12.64 -40.57
C ALA A 66 -5.89 13.19 -39.46
N MET A 67 -5.75 14.47 -39.21
CA MET A 67 -6.54 15.19 -38.20
C MET A 67 -7.09 16.48 -38.79
N ASN A 68 -8.40 16.54 -38.84
CA ASN A 68 -9.07 17.68 -39.46
C ASN A 68 -8.97 18.92 -38.59
N LYS A 69 -9.57 19.99 -39.08
CA LYS A 69 -9.61 21.29 -38.42
C LYS A 69 -10.18 21.22 -37.00
N GLU A 70 -11.10 20.28 -36.73
CA GLU A 70 -11.72 20.15 -35.40
C GLU A 70 -11.21 19.00 -34.50
N GLY A 71 -10.30 18.16 -35.02
CA GLY A 71 -9.77 17.08 -34.21
C GLY A 71 -9.89 15.63 -34.65
N LYS A 72 -10.99 15.25 -35.30
CA LYS A 72 -11.19 13.87 -35.73
C LYS A 72 -9.99 13.21 -36.37
N LEU A 73 -9.83 11.89 -36.16
CA LEU A 73 -8.71 11.15 -36.74
C LEU A 73 -9.12 10.22 -37.90
N TYR A 74 -8.93 10.63 -39.15
CA TYR A 74 -9.30 9.78 -40.27
C TYR A 74 -8.17 9.37 -41.19
N ALA A 75 -8.48 8.93 -42.40
CA ALA A 75 -7.44 8.54 -43.34
C ALA A 75 -7.92 8.80 -44.75
N LYS A 76 -6.99 8.81 -45.71
CA LYS A 76 -7.26 9.00 -47.15
C LYS A 76 -5.97 8.71 -47.91
N LYS A 77 -6.04 8.76 -49.23
CA LYS A 77 -4.86 8.58 -50.05
C LYS A 77 -4.55 9.96 -50.65
N GLU A 78 -5.50 10.86 -50.47
CA GLU A 78 -5.42 12.26 -50.89
C GLU A 78 -4.68 13.00 -49.77
N CYS A 79 -3.42 13.34 -49.96
CA CYS A 79 -2.76 14.05 -48.87
C CYS A 79 -3.27 15.48 -48.79
N ASN A 80 -2.92 16.14 -47.71
CA ASN A 80 -3.29 17.52 -47.48
C ASN A 80 -2.30 18.01 -46.45
N GLU A 81 -2.70 19.04 -45.70
CA GLU A 81 -1.89 19.56 -44.61
C GLU A 81 -2.35 18.86 -43.32
N ASP A 82 -3.46 18.13 -43.45
CA ASP A 82 -4.06 17.37 -42.37
C ASP A 82 -3.27 16.08 -42.13
N CYS A 83 -2.48 15.71 -43.13
CA CYS A 83 -1.65 14.50 -43.08
C CYS A 83 -0.31 14.68 -42.37
N ASN A 84 0.03 15.93 -42.02
CA ASN A 84 1.31 16.26 -41.40
C ASN A 84 1.19 16.23 -39.87
N PHE A 85 2.08 15.42 -39.24
CA PHE A 85 2.12 15.28 -37.79
C PHE A 85 3.55 15.37 -37.38
N LYS A 86 3.82 16.03 -36.25
CA LYS A 86 5.19 16.20 -35.74
C LYS A 86 5.52 15.12 -34.71
N GLU A 87 6.68 14.47 -34.89
CA GLU A 87 7.12 13.37 -34.03
C GLU A 87 8.02 13.72 -32.85
N LEU A 88 7.46 13.87 -31.64
CA LEU A 88 8.30 14.18 -30.46
C LEU A 88 8.82 12.90 -29.81
N ILE A 89 9.59 13.09 -28.73
CA ILE A 89 10.16 12.00 -27.92
C ILE A 89 10.23 12.44 -26.47
N LEU A 90 9.22 12.16 -25.66
CA LEU A 90 9.26 12.55 -24.26
C LEU A 90 10.47 11.81 -23.68
N GLU A 91 11.00 12.25 -22.54
CA GLU A 91 12.18 11.55 -22.00
C GLU A 91 11.97 10.11 -21.54
N ASN A 92 10.72 9.70 -21.42
CA ASN A 92 10.34 8.33 -21.06
C ASN A 92 10.78 7.46 -22.25
N HIS A 93 11.19 8.15 -23.32
CA HIS A 93 11.65 7.56 -24.57
C HIS A 93 10.49 7.05 -25.44
N TYR A 94 9.38 7.79 -25.40
CA TYR A 94 8.17 7.46 -26.13
C TYR A 94 8.00 8.61 -27.10
N ASN A 95 7.34 8.37 -28.25
CA ASN A 95 7.08 9.42 -29.28
C ASN A 95 5.68 10.00 -29.07
N THR A 96 5.25 10.99 -29.86
CA THR A 96 3.91 11.55 -29.63
C THR A 96 3.00 11.87 -30.80
N TYR A 97 3.47 12.61 -31.77
CA TYR A 97 2.65 12.92 -32.93
C TYR A 97 1.46 13.89 -32.75
N ALA A 98 1.74 15.18 -32.99
CA ALA A 98 0.75 16.24 -32.91
C ALA A 98 0.39 16.70 -34.32
N SER A 99 -0.74 17.37 -34.51
CA SER A 99 -1.12 17.83 -35.85
C SER A 99 -0.48 19.17 -36.28
N ALA A 100 -0.78 19.61 -37.51
CA ALA A 100 -0.26 20.86 -38.09
C ALA A 100 -1.35 21.91 -38.31
N LYS A 101 -2.54 21.57 -37.90
CA LYS A 101 -3.71 22.44 -37.99
C LYS A 101 -3.89 23.18 -36.69
N TRP A 102 -2.82 23.19 -35.93
CA TRP A 102 -2.91 23.62 -34.55
C TRP A 102 -3.72 22.46 -33.94
N GLY A 106 2.48 25.10 -26.18
CA GLY A 106 2.55 23.85 -25.43
C GLY A 106 2.59 22.63 -26.35
N GLY A 107 1.43 22.09 -26.70
CA GLY A 107 1.48 20.95 -27.60
C GLY A 107 0.28 20.64 -28.43
N GLU A 108 -0.91 20.97 -27.96
CA GLU A 108 -2.07 20.66 -28.74
C GLU A 108 -2.56 19.26 -28.89
N MET A 109 -3.07 18.94 -30.09
CA MET A 109 -3.60 17.62 -30.43
C MET A 109 -2.66 16.47 -30.88
N PHE A 110 -2.90 15.25 -30.38
CA PHE A 110 -2.07 14.08 -30.73
C PHE A 110 -2.81 12.83 -31.21
N VAL A 111 -2.07 11.92 -31.85
CA VAL A 111 -2.66 10.66 -32.32
C VAL A 111 -2.85 9.76 -31.06
N ALA A 112 -4.09 9.62 -30.57
CA ALA A 112 -4.32 8.80 -29.36
C ALA A 112 -5.32 7.68 -29.53
N LEU A 113 -5.30 6.73 -28.59
CA LEU A 113 -6.19 5.55 -28.59
C LEU A 113 -6.75 5.08 -27.25
N ASN A 114 -8.07 5.16 -27.06
CA ASN A 114 -8.72 4.66 -25.83
C ASN A 114 -8.26 3.21 -25.56
N GLN A 115 -8.69 2.67 -24.41
CA GLN A 115 -8.36 1.29 -24.02
C GLN A 115 -9.33 0.33 -24.64
N LYS A 116 -10.15 0.84 -25.56
CA LYS A 116 -11.16 0.03 -26.26
C LYS A 116 -10.82 -0.12 -27.75
N GLY A 117 -9.65 0.36 -28.14
CA GLY A 117 -9.25 0.27 -29.53
C GLY A 117 -9.61 1.52 -30.32
N LEU A 118 -10.72 2.16 -29.94
CA LEU A 118 -11.21 3.41 -30.57
C LEU A 118 -10.31 4.61 -30.32
N PRO A 119 -10.07 5.45 -31.34
CA PRO A 119 -9.21 6.64 -31.22
C PRO A 119 -9.81 7.70 -30.30
N VAL A 120 -9.16 8.87 -30.25
CA VAL A 120 -9.60 9.98 -29.38
C VAL A 120 -9.77 11.31 -30.16
N LYS A 121 -10.58 12.24 -29.65
CA LYS A 121 -10.75 13.50 -30.36
C LYS A 121 -9.81 14.56 -29.87
N GLY A 122 -9.26 15.28 -30.81
CA GLY A 122 -8.32 16.34 -30.50
C GLY A 122 -8.61 17.16 -29.27
N LYS A 123 -9.82 17.66 -29.13
CA LYS A 123 -10.15 18.49 -27.98
C LYS A 123 -10.02 17.83 -26.60
N LYS A 124 -9.23 16.76 -26.50
CA LYS A 124 -9.06 16.07 -25.22
C LYS A 124 -7.65 15.61 -24.98
N THR A 125 -6.92 15.30 -26.03
CA THR A 125 -5.54 14.83 -25.87
C THR A 125 -4.67 15.78 -25.01
N LYS A 126 -3.60 15.25 -24.41
CA LYS A 126 -2.66 16.03 -23.59
C LYS A 126 -1.32 15.33 -23.51
N LYS A 127 -0.24 16.09 -23.65
CA LYS A 127 1.12 15.56 -23.68
C LYS A 127 1.42 14.28 -22.88
N GLU A 128 1.22 14.35 -21.59
CA GLU A 128 1.66 13.27 -20.67
C GLU A 128 0.82 11.96 -20.62
N GLN A 129 -0.49 12.00 -20.89
CA GLN A 129 -1.33 10.76 -20.80
C GLN A 129 -0.74 9.62 -21.58
N LYS A 130 -1.09 8.40 -21.20
CA LYS A 130 -0.55 7.21 -21.86
C LYS A 130 -1.11 6.94 -23.26
N THR A 131 -2.40 7.21 -23.45
CA THR A 131 -3.06 7.02 -24.75
C THR A 131 -2.18 7.70 -25.84
N ALA A 132 -1.68 8.90 -25.53
CA ALA A 132 -0.87 9.69 -26.46
C ALA A 132 0.56 9.23 -26.67
N HIS A 133 0.95 8.14 -25.97
CA HIS A 133 2.30 7.58 -26.05
C HIS A 133 2.26 6.32 -26.84
N PHE A 134 2.97 6.28 -27.97
CA PHE A 134 3.01 5.09 -28.83
C PHE A 134 4.44 4.66 -28.83
N LEU A 135 4.73 3.51 -29.41
CA LEU A 135 6.10 2.99 -29.43
C LEU A 135 6.37 2.23 -30.72
N PRO A 136 7.35 2.71 -31.49
CA PRO A 136 7.70 2.07 -32.76
C PRO A 136 8.42 0.75 -32.50
N MET A 137 8.11 -0.26 -33.29
CA MET A 137 8.74 -1.58 -33.17
C MET A 137 8.81 -2.18 -34.55
N ALA A 138 9.89 -2.87 -34.86
CA ALA A 138 10.00 -3.42 -36.18
C ALA A 138 9.17 -4.65 -36.36
N ILE A 139 8.88 -4.91 -37.62
CA ILE A 139 8.13 -6.07 -38.06
C ILE A 139 8.94 -7.25 -37.56
N THR A 140 10.23 -7.15 -37.86
CA THR A 140 11.28 -8.09 -37.52
C THR A 140 11.06 -9.58 -37.81
N ASP B 9 13.03 5.22 33.64
CA ASP B 9 13.22 3.93 32.94
C ASP B 9 11.89 3.28 32.72
N ILE B 10 11.55 3.06 31.45
CA ILE B 10 10.29 2.48 31.08
C ILE B 10 10.48 1.35 30.07
N ARG B 11 9.67 0.31 30.19
CA ARG B 11 9.72 -0.83 29.29
C ARG B 11 8.30 -1.13 28.92
N VAL B 12 8.15 -2.00 27.92
CA VAL B 12 6.84 -2.38 27.46
C VAL B 12 6.97 -3.79 26.92
N ARG B 13 6.32 -4.71 27.64
CA ARG B 13 6.34 -6.13 27.31
C ARG B 13 4.90 -6.60 27.17
N ARG B 14 4.73 -7.93 27.08
CA ARG B 14 3.41 -8.54 26.98
C ARG B 14 3.00 -9.28 28.27
N LEU B 15 4.00 -9.77 29.01
CA LEU B 15 3.78 -10.44 30.31
C LEU B 15 3.08 -11.80 30.26
N PHE B 16 3.79 -12.83 29.79
CA PHE B 16 3.24 -14.20 29.67
C PHE B 16 3.26 -15.02 30.97
N CYS B 17 2.09 -15.53 31.37
CA CYS B 17 1.96 -16.30 32.61
C CYS B 17 2.64 -17.67 32.50
N ARG B 18 2.35 -18.52 33.48
CA ARG B 18 2.88 -19.87 33.47
C ARG B 18 1.68 -20.77 33.25
N THR B 19 0.52 -20.26 33.66
CA THR B 19 -0.74 -20.97 33.52
C THR B 19 -1.07 -21.11 32.03
N GLN B 20 -0.20 -20.52 31.20
CA GLN B 20 -0.31 -20.50 29.73
C GLN B 20 -1.32 -19.50 29.18
N TRP B 21 -1.26 -18.32 29.77
CA TRP B 21 -2.16 -17.20 29.44
C TRP B 21 -1.37 -15.90 29.46
N TYR B 22 -2.02 -14.83 29.02
CA TYR B 22 -1.42 -13.51 29.04
C TYR B 22 -2.31 -12.65 29.94
N LEU B 23 -1.68 -11.77 30.71
CA LEU B 23 -2.40 -10.84 31.57
C LEU B 23 -3.00 -9.88 30.57
N ARG B 24 -4.10 -9.24 30.92
CA ARG B 24 -4.74 -8.33 29.98
C ARG B 24 -5.70 -7.45 30.76
N ILE B 25 -5.75 -6.16 30.43
CA ILE B 25 -6.67 -5.27 31.12
C ILE B 25 -7.65 -4.66 30.10
N ASP B 26 -8.87 -4.42 30.55
CA ASP B 26 -9.93 -3.97 29.61
C ASP B 26 -10.27 -2.47 29.66
N LYS B 27 -11.16 -2.15 28.71
CA LYS B 27 -11.62 -0.78 28.44
C LYS B 27 -12.58 -0.28 29.51
N ARG B 28 -13.33 -1.20 30.08
CA ARG B 28 -14.27 -0.83 31.12
C ARG B 28 -13.63 -0.98 32.54
N GLY B 29 -12.43 -1.57 32.58
CA GLY B 29 -11.70 -1.77 33.83
C GLY B 29 -11.47 -3.19 34.27
N LYS B 30 -12.04 -4.16 33.56
CA LYS B 30 -11.89 -5.55 33.94
C LYS B 30 -10.53 -6.11 33.58
N VAL B 31 -9.72 -6.32 34.59
CA VAL B 31 -8.41 -6.90 34.36
C VAL B 31 -8.61 -8.41 34.22
N LYS B 32 -8.87 -8.82 32.98
CA LYS B 32 -9.10 -10.22 32.66
C LYS B 32 -7.83 -10.91 32.14
N GLY B 33 -8.00 -11.81 31.17
CA GLY B 33 -6.86 -12.52 30.60
C GLY B 33 -7.27 -13.45 29.46
N THR B 34 -6.53 -13.43 28.34
CA THR B 34 -6.82 -14.28 27.19
C THR B 34 -5.59 -14.98 26.63
N GLN B 35 -5.81 -16.20 26.14
CA GLN B 35 -4.72 -16.98 25.59
C GLN B 35 -4.25 -16.41 24.26
N GLU B 36 -4.96 -15.40 23.76
CA GLU B 36 -4.62 -14.78 22.47
C GLU B 36 -3.36 -13.92 22.51
N MET B 37 -2.48 -14.17 21.54
CA MET B 37 -1.21 -13.48 21.44
C MET B 37 -1.30 -12.06 20.89
N ARG B 38 -1.59 -11.90 19.60
CA ARG B 38 -1.65 -10.54 19.05
C ARG B 38 -2.65 -9.60 19.68
N ASN B 39 -3.58 -10.12 20.49
CA ASN B 39 -4.57 -9.27 21.16
C ASN B 39 -3.81 -8.05 21.65
N SER B 40 -3.76 -7.01 20.85
CA SER B 40 -2.99 -5.84 21.24
C SER B 40 -3.72 -4.89 22.20
N TYR B 41 -4.41 -5.51 23.15
CA TYR B 41 -5.12 -4.83 24.24
C TYR B 41 -4.41 -5.42 25.47
N ASN B 42 -3.27 -6.05 25.22
CA ASN B 42 -2.48 -6.69 26.24
C ASN B 42 -1.08 -6.09 26.33
N ILE B 43 -0.77 -5.09 25.52
CA ILE B 43 0.57 -4.54 25.61
C ILE B 43 0.62 -3.77 26.95
N MET B 44 1.63 -4.10 27.75
CA MET B 44 1.82 -3.49 29.07
C MET B 44 3.05 -2.58 29.17
N GLU B 45 2.85 -1.43 29.79
CA GLU B 45 3.90 -0.44 30.01
C GLU B 45 4.46 -0.64 31.41
N ILE B 46 5.74 -0.99 31.54
CA ILE B 46 6.32 -1.20 32.87
C ILE B 46 7.34 -0.15 33.32
N ARG B 47 6.96 0.56 34.38
CA ARG B 47 7.75 1.64 35.00
C ARG B 47 8.47 1.28 36.31
N THR B 48 9.38 2.17 36.74
CA THR B 48 10.16 2.05 37.97
C THR B 48 9.79 3.24 38.88
N VAL B 49 9.50 3.02 40.17
CA VAL B 49 9.12 4.14 41.04
C VAL B 49 10.05 4.41 42.24
N ALA B 50 11.11 3.69 42.27
CA ALA B 50 12.15 3.77 43.29
C ALA B 50 12.93 2.51 43.11
N VAL B 51 14.19 2.50 43.44
CA VAL B 51 14.87 1.23 43.31
C VAL B 51 13.98 0.28 44.08
N GLY B 52 13.66 -0.83 43.48
CA GLY B 52 12.81 -1.82 44.13
C GLY B 52 11.47 -1.93 43.45
N ILE B 53 10.61 -0.92 43.61
CA ILE B 53 9.26 -0.90 43.03
C ILE B 53 9.06 -0.68 41.50
N VAL B 54 7.97 -1.27 41.00
CA VAL B 54 7.52 -1.25 39.60
C VAL B 54 6.03 -0.95 39.61
N ALA B 55 5.45 -0.59 38.46
CA ALA B 55 4.00 -0.30 38.33
C ALA B 55 3.59 -0.86 36.96
N ILE B 56 2.30 -1.20 36.78
CA ILE B 56 1.79 -1.73 35.50
C ILE B 56 0.50 -1.05 34.96
N LYS B 57 0.66 -0.40 33.80
CA LYS B 57 -0.41 0.35 33.13
C LYS B 57 -0.78 -0.21 31.75
N GLY B 58 -2.06 -0.10 31.40
CA GLY B 58 -2.53 -0.56 30.11
C GLY B 58 -2.21 0.43 28.99
N VAL B 59 -1.30 0.06 28.10
CA VAL B 59 -0.92 0.90 26.99
C VAL B 59 -2.10 1.31 26.16
N GLU B 60 -3.10 0.44 26.11
CA GLU B 60 -4.26 0.73 25.29
C GLU B 60 -5.47 1.22 26.07
N SER B 61 -5.65 0.69 27.28
CA SER B 61 -6.79 1.09 28.08
C SER B 61 -6.49 2.35 28.86
N GLU B 62 -5.20 2.55 29.20
CA GLU B 62 -4.67 3.69 29.96
C GLU B 62 -4.89 3.54 31.45
N TYR B 63 -5.38 2.36 31.82
CA TYR B 63 -5.69 2.02 33.19
C TYR B 63 -4.46 1.42 33.86
N TYR B 64 -4.32 1.63 35.16
CA TYR B 64 -3.17 1.08 35.90
C TYR B 64 -3.48 -0.29 36.56
N LEU B 65 -2.59 -0.81 37.38
CA LEU B 65 -2.89 -2.10 37.97
C LEU B 65 -3.04 -2.13 39.51
N ALA B 66 -3.95 -1.33 40.06
CA ALA B 66 -4.23 -1.25 41.51
C ALA B 66 -4.50 -2.59 42.23
N MET B 67 -4.18 -2.67 43.53
CA MET B 67 -4.35 -3.91 44.32
C MET B 67 -5.05 -3.84 45.68
N ASN B 68 -5.81 -2.79 45.96
CA ASN B 68 -6.54 -2.73 47.24
C ASN B 68 -7.79 -3.61 47.20
N LYS B 72 -8.91 -6.82 45.21
CA LYS B 72 -7.63 -7.38 44.67
C LYS B 72 -7.67 -7.37 43.13
N LEU B 73 -6.60 -6.81 42.57
CA LEU B 73 -6.45 -6.66 41.12
C LEU B 73 -7.60 -5.75 40.59
N TYR B 74 -7.26 -4.46 40.57
CA TYR B 74 -8.14 -3.33 40.13
C TYR B 74 -7.49 -2.67 38.89
N ALA B 75 -7.75 -1.37 38.65
CA ALA B 75 -7.19 -0.68 37.44
C ALA B 75 -6.88 0.82 37.71
N LYS B 76 -7.94 1.57 37.94
CA LYS B 76 -7.92 3.03 38.28
C LYS B 76 -7.71 3.94 37.03
N LYS B 77 -7.55 5.23 37.38
CA LYS B 77 -7.30 6.38 36.46
C LYS B 77 -6.31 7.29 37.18
N GLU B 78 -6.69 7.61 38.41
CA GLU B 78 -5.93 8.43 39.36
C GLU B 78 -5.16 7.42 40.21
N CYS B 79 -4.10 6.91 39.63
CA CYS B 79 -3.29 5.89 40.29
C CYS B 79 -2.70 6.36 41.59
N ASN B 80 -2.58 5.44 42.56
CA ASN B 80 -1.99 5.77 43.84
C ASN B 80 -1.21 4.62 44.46
N GLU B 81 -1.09 4.65 45.78
CA GLU B 81 -0.35 3.65 46.54
C GLU B 81 -0.64 2.20 46.20
N ASP B 82 -1.89 1.91 45.87
CA ASP B 82 -2.23 0.54 45.54
C ASP B 82 -1.49 0.10 44.29
N CYS B 83 -1.15 1.09 43.45
CA CYS B 83 -0.47 0.89 42.15
C CYS B 83 1.00 0.45 42.12
N ASN B 84 1.59 0.25 43.30
CA ASN B 84 3.01 -0.12 43.38
C ASN B 84 3.26 -1.62 43.52
N PHE B 85 4.34 -2.11 42.89
CA PHE B 85 4.66 -3.53 42.91
C PHE B 85 6.14 -3.88 42.97
N LYS B 86 6.52 -4.58 44.00
CA LYS B 86 7.90 -5.00 44.13
C LYS B 86 8.21 -6.10 43.14
N GLU B 87 8.77 -5.73 42.01
CA GLU B 87 9.15 -6.74 41.04
C GLU B 87 10.23 -7.60 41.71
N LEU B 88 10.20 -8.89 41.48
CA LEU B 88 11.21 -9.77 42.05
C LEU B 88 11.54 -10.83 41.01
N ILE B 89 12.82 -11.21 40.91
CA ILE B 89 13.23 -12.20 39.93
C ILE B 89 13.60 -13.57 40.46
N LEU B 90 13.06 -14.60 39.80
CA LEU B 90 13.36 -15.97 40.17
C LEU B 90 14.67 -16.47 39.53
N GLU B 91 14.94 -17.74 39.83
CA GLU B 91 16.17 -18.48 39.43
C GLU B 91 16.36 -18.59 37.91
N ASN B 92 16.89 -17.53 37.34
CA ASN B 92 17.16 -17.49 35.88
C ASN B 92 15.83 -17.56 35.12
N HIS B 93 14.72 -17.11 35.70
CA HIS B 93 13.44 -17.31 34.98
C HIS B 93 12.38 -16.20 35.01
N TYR B 94 11.31 -16.45 35.74
CA TYR B 94 10.16 -15.53 35.71
C TYR B 94 10.26 -14.41 36.72
N ASN B 95 9.70 -13.25 36.37
CA ASN B 95 9.70 -12.13 37.29
C ASN B 95 8.36 -12.14 37.97
N THR B 96 8.34 -12.35 39.27
CA THR B 96 7.10 -12.36 40.03
C THR B 96 6.92 -10.97 40.62
N TYR B 97 5.66 -10.53 40.76
CA TYR B 97 5.39 -9.19 41.29
C TYR B 97 4.47 -9.14 42.51
N ALA B 98 5.07 -9.08 43.69
CA ALA B 98 4.37 -9.00 44.97
C ALA B 98 3.81 -7.60 45.16
N SER B 99 2.68 -7.43 45.83
CA SER B 99 2.14 -6.10 46.02
C SER B 99 3.22 -5.31 46.72
N ALA B 100 3.25 -4.03 46.48
CA ALA B 100 4.22 -3.17 47.16
C ALA B 100 3.86 -3.11 48.66
N LYS B 101 3.85 -4.33 49.20
CA LYS B 101 3.66 -4.68 50.63
C LYS B 101 2.32 -4.24 51.23
N TRP B 102 1.40 -5.20 51.20
CA TRP B 102 0.05 -5.09 51.79
C TRP B 102 -0.24 -6.36 52.64
N THR B 103 0.27 -6.31 53.88
CA THR B 103 0.05 -7.32 54.97
C THR B 103 0.49 -8.78 54.66
N HIS B 104 1.77 -9.11 54.81
CA HIS B 104 2.22 -10.52 54.64
C HIS B 104 3.73 -10.64 54.28
N SER B 105 4.16 -11.90 54.19
CA SER B 105 5.56 -12.26 53.85
C SER B 105 5.69 -12.46 52.34
N MET B 109 0.27 -10.83 49.01
CA MET B 109 -0.54 -10.28 47.93
C MET B 109 0.29 -10.27 46.66
N PHE B 110 -0.09 -11.10 45.72
CA PHE B 110 0.61 -11.19 44.44
C PHE B 110 -0.37 -10.88 43.30
N VAL B 111 0.14 -11.12 42.13
CA VAL B 111 -0.61 -11.03 40.89
C VAL B 111 -0.46 -12.41 40.26
N ALA B 112 -1.58 -13.04 40.06
CA ALA B 112 -1.63 -14.38 39.47
C ALA B 112 -2.99 -14.59 38.82
N LEU B 113 -2.98 -15.34 37.72
CA LEU B 113 -4.16 -15.65 36.94
C LEU B 113 -4.53 -17.12 37.07
N ASN B 114 -5.83 -17.38 37.13
CA ASN B 114 -6.40 -18.73 37.25
C ASN B 114 -5.97 -19.71 36.17
N GLN B 115 -6.36 -20.95 36.34
CA GLN B 115 -6.03 -21.98 35.35
C GLN B 115 -6.93 -21.76 34.12
N LYS B 116 -8.10 -21.20 34.36
CA LYS B 116 -9.07 -20.90 33.33
C LYS B 116 -8.77 -19.46 32.95
N GLY B 117 -7.80 -18.92 33.68
CA GLY B 117 -7.31 -17.57 33.51
C GLY B 117 -8.23 -16.52 34.09
N LEU B 118 -7.92 -16.03 35.31
CA LEU B 118 -8.65 -14.94 36.00
C LEU B 118 -7.90 -14.49 37.29
N PRO B 119 -8.11 -13.25 37.75
CA PRO B 119 -7.43 -12.73 38.94
C PRO B 119 -7.68 -13.50 40.23
N VAL B 120 -6.60 -14.02 40.82
CA VAL B 120 -6.69 -14.75 42.09
C VAL B 120 -6.57 -13.67 43.18
N LYS B 121 -7.04 -13.98 44.39
CA LYS B 121 -7.01 -13.04 45.52
C LYS B 121 -5.73 -13.07 46.35
N GLY B 122 -5.04 -11.94 46.43
CA GLY B 122 -3.80 -11.86 47.18
C GLY B 122 -3.86 -12.51 48.54
N LYS B 123 -5.05 -12.56 49.13
CA LYS B 123 -5.23 -13.16 50.45
C LYS B 123 -4.82 -14.63 50.37
N LYS B 124 -5.18 -15.26 49.25
CA LYS B 124 -4.90 -16.65 48.96
C LYS B 124 -3.64 -16.87 48.10
N THR B 125 -2.96 -15.80 47.72
CA THR B 125 -1.76 -15.95 46.91
C THR B 125 -0.57 -16.39 47.73
N LYS B 126 0.09 -17.40 47.23
CA LYS B 126 1.25 -17.94 47.90
C LYS B 126 2.37 -18.07 46.90
N LYS B 127 3.54 -17.63 47.30
CA LYS B 127 4.69 -17.73 46.43
C LYS B 127 5.03 -19.22 46.12
N GLU B 128 5.65 -19.41 44.96
CA GLU B 128 6.10 -20.70 44.41
C GLU B 128 5.01 -21.57 43.82
N GLN B 129 3.88 -20.98 43.60
CA GLN B 129 2.84 -21.60 42.79
C GLN B 129 3.11 -21.03 41.40
N LYS B 130 3.27 -21.85 40.41
CA LYS B 130 3.56 -21.31 39.08
C LYS B 130 2.29 -20.80 38.40
N THR B 131 1.56 -19.96 39.13
CA THR B 131 0.34 -19.32 38.65
C THR B 131 0.66 -17.81 38.54
N ALA B 132 1.67 -17.42 39.30
CA ALA B 132 2.15 -16.06 39.35
C ALA B 132 3.54 -16.04 38.73
N HIS B 133 3.87 -17.08 37.97
CA HIS B 133 5.16 -17.14 37.33
C HIS B 133 5.08 -16.52 35.93
N PHE B 134 5.04 -15.19 35.89
CA PHE B 134 4.99 -14.37 34.68
C PHE B 134 6.32 -14.23 33.97
N LEU B 135 6.30 -14.08 32.65
CA LEU B 135 7.52 -13.93 31.86
C LEU B 135 7.32 -12.70 30.96
N PRO B 136 8.06 -11.61 31.24
CA PRO B 136 7.98 -10.37 30.47
C PRO B 136 8.24 -10.69 29.00
N MET B 137 7.20 -10.55 28.18
CA MET B 137 7.33 -10.84 26.78
C MET B 137 7.74 -9.61 26.01
N ALA B 138 8.98 -9.63 25.46
CA ALA B 138 9.52 -8.53 24.66
C ALA B 138 8.56 -8.33 23.47
N ILE B 139 7.82 -7.22 23.55
CA ILE B 139 6.78 -6.88 22.59
C ILE B 139 7.01 -7.17 21.13
#